data_3O0U
#
_entry.id   3O0U
#
_cell.length_a   37.695
_cell.length_b   48.967
_cell.length_c   103.958
_cell.angle_alpha   90.00
_cell.angle_beta   90.00
_cell.angle_gamma   90.00
#
_symmetry.space_group_name_H-M   'P 21 21 21'
#
loop_
_entity.id
_entity.type
_entity.pdbx_description
1 polymer 'Cathepsin K'
2 non-polymer 3-{2-[(E)-iminomethyl]-6-propylpyrimidin-4-yl}-N,N-dimethyl-5-(trifluoromethyl)benzamide
3 water water
#
_entity_poly.entity_id   1
_entity_poly.type   'polypeptide(L)'
_entity_poly.pdbx_seq_one_letter_code
;APDSVDYRKKGYVTPVKNQGQCGSCWAFSSVGALEGQLKKKTGKLLNLSPQNLVDCVSENDGCGGGYMTNAFQYVQKNRG
IDSEDAYPYVGQEESCMYNPTGKAAKCRGYREIPEGNEKALKRAVARVGPVSVAIDASLTSFQFYSKGVYYDESCNSDNL
NHAVLAVGYGIQKGNKHWIIKNSWGENWGNKGYILMARNKNNACGIANLASFPKM
;
_entity_poly.pdbx_strand_id   A
#
loop_
_chem_comp.id
_chem_comp.type
_chem_comp.name
_chem_comp.formula
O47 non-polymer 3-{2-[(E)-iminomethyl]-6-propylpyrimidin-4-yl}-N,N-dimethyl-5-(trifluoromethyl)benzamide 'C18 H19 F3 N4 O'
#
# COMPACT_ATOMS: atom_id res chain seq x y z
N ALA A 1 -10.98 -18.82 -1.40
CA ALA A 1 -11.05 -17.32 -1.28
C ALA A 1 -12.49 -16.90 -1.14
N PRO A 2 -12.80 -16.12 -0.08
CA PRO A 2 -14.18 -15.68 0.10
C PRO A 2 -14.57 -14.57 -0.89
N ASP A 3 -15.87 -14.32 -0.99
CA ASP A 3 -16.38 -13.32 -1.90
C ASP A 3 -16.15 -11.90 -1.36
N SER A 4 -15.93 -11.77 -0.05
CA SER A 4 -15.70 -10.47 0.63
C SER A 4 -14.71 -10.70 1.73
N VAL A 5 -13.78 -9.75 1.87
CA VAL A 5 -12.84 -9.76 2.95
C VAL A 5 -12.37 -8.34 3.30
N ASP A 6 -12.33 -8.05 4.59
CA ASP A 6 -11.88 -6.75 5.13
C ASP A 6 -10.88 -6.96 6.29
N TYR A 7 -9.59 -6.79 6.01
CA TYR A 7 -8.56 -7.06 7.00
C TYR A 7 -8.55 -6.05 8.16
N ARG A 8 -9.22 -4.91 7.96
CA ARG A 8 -9.44 -3.92 9.01
C ARG A 8 -10.14 -4.54 10.22
N LYS A 9 -11.13 -5.39 9.95
CA LYS A 9 -11.91 -6.09 10.99
C LYS A 9 -11.13 -7.24 11.66
N LYS A 10 -10.01 -7.68 11.05
CA LYS A 10 -9.07 -8.64 11.67
C LYS A 10 -7.95 -7.95 12.46
N GLY A 11 -7.94 -6.62 12.48
CA GLY A 11 -6.92 -5.89 13.21
C GLY A 11 -5.56 -5.85 12.52
N TYR A 12 -5.54 -5.97 11.19
CA TYR A 12 -4.26 -5.99 10.43
C TYR A 12 -3.78 -4.65 9.90
N VAL A 13 -4.58 -3.61 10.11
CA VAL A 13 -4.41 -2.31 9.46
C VAL A 13 -4.27 -1.17 10.50
N THR A 14 -3.21 -0.39 10.36
CA THR A 14 -2.94 0.72 11.28
C THR A 14 -3.78 1.90 10.84
N PRO A 15 -3.89 2.91 11.72
CA PRO A 15 -4.56 4.16 11.40
C PRO A 15 -4.11 4.76 10.06
N VAL A 16 -5.00 5.54 9.43
CA VAL A 16 -4.67 6.23 8.18
C VAL A 16 -3.66 7.36 8.47
N LYS A 17 -2.61 7.42 7.66
CA LYS A 17 -1.53 8.41 7.82
C LYS A 17 -1.62 9.50 6.75
N ASN A 18 -0.81 10.54 6.89
CA ASN A 18 -0.79 11.66 5.95
C ASN A 18 0.61 11.96 5.47
N GLN A 19 0.88 11.67 4.20
CA GLN A 19 2.21 11.82 3.62
C GLN A 19 2.61 13.28 3.41
N GLY A 20 1.62 14.15 3.49
CA GLY A 20 1.87 15.59 3.37
C GLY A 20 2.41 15.93 2.00
N GLN A 21 3.25 16.96 1.94
CA GLN A 21 3.80 17.46 0.66
C GLN A 21 5.12 16.75 0.37
N CYS A 22 5.00 15.48 0.03
CA CYS A 22 6.12 14.66 -0.35
C CYS A 22 5.53 13.49 -1.11
N GLY A 23 6.18 13.07 -2.20
CA GLY A 23 5.69 11.95 -2.99
C GLY A 23 6.12 10.60 -2.43
N SER A 24 5.78 10.33 -1.18
CA SER A 24 6.20 9.11 -0.46
C SER A 24 5.07 8.06 -0.37
N CYS A 25 4.02 8.19 -1.18
CA CYS A 25 2.92 7.21 -1.18
C CYS A 25 3.48 5.78 -1.12
N TRP A 26 4.54 5.56 -1.89
CA TRP A 26 5.13 4.25 -2.08
C TRP A 26 5.67 3.67 -0.79
N ALA A 27 6.17 4.55 0.08
CA ALA A 27 6.70 4.21 1.41
C ALA A 27 5.55 3.80 2.34
N PHE A 28 4.47 4.59 2.35
CA PHE A 28 3.25 4.30 3.10
C PHE A 28 2.57 3.00 2.59
N SER A 29 2.50 2.79 1.27
CA SER A 29 1.99 1.53 0.73
C SER A 29 2.83 0.35 1.25
N SER A 30 4.15 0.46 1.12
CA SER A 30 5.07 -0.59 1.58
C SER A 30 4.96 -0.90 3.06
N VAL A 31 4.97 0.13 3.92
CA VAL A 31 4.84 -0.11 5.35
C VAL A 31 3.48 -0.66 5.74
N GLY A 32 2.45 -0.34 4.98
CA GLY A 32 1.11 -0.91 5.25
C GLY A 32 1.10 -2.39 5.05
N ALA A 33 1.70 -2.83 3.95
CA ALA A 33 1.84 -4.22 3.65
C ALA A 33 2.66 -4.93 4.72
N LEU A 34 3.78 -4.32 5.12
CA LEU A 34 4.65 -4.92 6.14
C LEU A 34 3.91 -4.99 7.47
N GLU A 35 3.15 -3.95 7.79
CA GLU A 35 2.36 -3.92 9.03
C GLU A 35 1.40 -5.10 9.10
N GLY A 36 0.77 -5.40 7.98
CA GLY A 36 -0.23 -6.44 7.93
C GLY A 36 0.35 -7.80 8.14
N GLN A 37 1.54 -8.02 7.57
CA GLN A 37 2.27 -9.28 7.72
C GLN A 37 2.82 -9.43 9.11
N LEU A 38 3.24 -8.31 9.71
CA LEU A 38 3.78 -8.31 11.06
C LEU A 38 2.69 -8.70 12.04
N LYS A 39 1.50 -8.12 11.89
CA LYS A 39 0.37 -8.52 12.71
C LYS A 39 0.02 -10.02 12.52
N LYS A 40 -0.08 -10.46 11.28
CA LYS A 40 -0.39 -11.85 11.00
C LYS A 40 0.63 -12.81 11.62
N LYS A 41 1.93 -12.50 11.48
CA LYS A 41 3.03 -13.33 12.02
C LYS A 41 3.15 -13.32 13.54
N THR A 42 3.22 -12.13 14.12
CA THR A 42 3.62 -11.96 15.51
C THR A 42 2.44 -11.68 16.41
N GLY A 43 1.31 -11.28 15.82
CA GLY A 43 0.17 -10.85 16.61
C GLY A 43 0.20 -9.40 17.08
N LYS A 44 1.27 -8.66 16.77
CA LYS A 44 1.36 -7.22 17.10
C LYS A 44 1.01 -6.31 15.94
N LEU A 45 0.13 -5.33 16.16
CA LEU A 45 -0.16 -4.24 15.19
C LEU A 45 0.59 -3.00 15.60
N LEU A 46 1.48 -2.55 14.72
CA LEU A 46 2.16 -1.30 15.03
C LEU A 46 2.64 -0.53 13.81
N ASN A 47 2.85 0.77 14.00
CA ASN A 47 3.30 1.64 12.95
C ASN A 47 4.80 1.43 12.69
N LEU A 48 5.09 1.09 11.43
CA LEU A 48 6.46 1.08 10.84
C LEU A 48 6.80 2.42 10.14
N SER A 49 8.09 2.66 9.88
CA SER A 49 8.61 3.97 9.45
C SER A 49 8.63 4.13 7.95
N PRO A 50 7.71 4.91 7.36
CA PRO A 50 7.87 5.30 5.95
C PRO A 50 9.11 6.18 5.72
N GLN A 51 9.52 6.97 6.70
CA GLN A 51 10.68 7.86 6.54
C GLN A 51 11.97 7.05 6.37
N ASN A 52 12.08 5.99 7.15
CA ASN A 52 13.19 5.03 7.00
C ASN A 52 13.34 4.63 5.54
N LEU A 53 12.23 4.37 4.86
CA LEU A 53 12.25 3.99 3.43
C LEU A 53 12.60 5.20 2.54
N VAL A 54 11.93 6.33 2.80
CA VAL A 54 12.15 7.55 2.02
C VAL A 54 13.65 7.91 1.99
N ASP A 55 14.31 7.88 3.14
CA ASP A 55 15.71 8.32 3.23
C ASP A 55 16.67 7.26 2.68
N CYS A 56 16.35 5.96 2.83
CA CYS A 56 17.34 4.90 2.69
C CYS A 56 17.25 3.99 1.47
N VAL A 57 16.06 3.87 0.87
CA VAL A 57 15.90 3.17 -0.43
C VAL A 57 16.58 3.92 -1.58
N SER A 58 17.82 3.53 -1.85
CA SER A 58 18.65 4.20 -2.85
C SER A 58 18.15 4.00 -4.28
N GLU A 59 17.38 2.95 -4.50
CA GLU A 59 16.77 2.61 -5.79
CA GLU A 59 16.82 2.69 -5.84
C GLU A 59 15.52 3.42 -6.06
N ASN A 60 15.04 4.14 -5.06
CA ASN A 60 13.82 4.93 -5.20
C ASN A 60 14.19 6.42 -5.23
N ASP A 61 13.19 7.30 -5.42
CA ASP A 61 13.47 8.75 -5.55
C ASP A 61 12.96 9.65 -4.41
N GLY A 62 12.84 9.08 -3.21
CA GLY A 62 12.45 9.81 -2.03
C GLY A 62 11.07 10.43 -2.10
N CYS A 63 11.00 11.74 -1.95
CA CYS A 63 9.75 12.49 -2.11
C CYS A 63 9.31 12.69 -3.60
N GLY A 64 10.11 12.18 -4.55
CA GLY A 64 9.79 12.22 -5.97
C GLY A 64 9.27 10.90 -6.48
N GLY A 65 9.01 9.96 -5.56
CA GLY A 65 8.28 8.76 -5.93
C GLY A 65 9.16 7.57 -5.80
N GLY A 66 8.63 6.40 -6.15
CA GLY A 66 9.36 5.13 -5.98
C GLY A 66 8.45 3.94 -6.12
N TYR A 67 9.06 2.74 -6.11
CA TYR A 67 8.37 1.45 -6.19
C TYR A 67 8.40 0.70 -4.87
N MET A 68 7.34 -0.07 -4.59
CA MET A 68 7.22 -0.81 -3.33
C MET A 68 8.14 -2.03 -3.31
N THR A 69 8.33 -2.66 -4.47
CA THR A 69 9.25 -3.81 -4.62
C THR A 69 10.67 -3.44 -4.15
N ASN A 70 11.14 -2.24 -4.59
CA ASN A 70 12.45 -1.68 -4.16
C ASN A 70 12.48 -1.44 -2.65
N ALA A 71 11.36 -0.95 -2.10
CA ALA A 71 11.22 -0.83 -0.63
C ALA A 71 11.35 -2.19 0.07
N PHE A 72 10.65 -3.21 -0.39
CA PHE A 72 10.68 -4.51 0.29
C PHE A 72 12.09 -5.13 0.25
N GLN A 73 12.76 -4.96 -0.87
CA GLN A 73 14.17 -5.36 -1.05
CA GLN A 73 14.14 -5.41 -0.98
C GLN A 73 15.08 -4.64 -0.07
N TYR A 74 14.89 -3.33 0.05
CA TYR A 74 15.68 -2.53 1.02
C TYR A 74 15.52 -3.16 2.40
N VAL A 75 14.29 -3.37 2.86
CA VAL A 75 14.10 -3.91 4.19
C VAL A 75 14.77 -5.29 4.37
N GLN A 76 14.67 -6.16 3.37
CA GLN A 76 15.29 -7.45 3.43
C GLN A 76 16.80 -7.30 3.56
N LYS A 77 17.38 -6.55 2.64
CA LYS A 77 18.84 -6.39 2.58
C LYS A 77 19.38 -5.75 3.85
N ASN A 78 18.63 -4.75 4.35
CA ASN A 78 18.97 -4.05 5.56
C ASN A 78 18.73 -4.90 6.80
N ARG A 79 18.00 -5.99 6.63
CA ARG A 79 17.64 -6.90 7.71
CA ARG A 79 17.62 -6.89 7.71
C ARG A 79 16.82 -6.16 8.78
N GLY A 80 15.99 -5.20 8.35
CA GLY A 80 15.18 -4.46 9.31
C GLY A 80 14.61 -3.15 8.79
N ILE A 81 13.44 -2.80 9.34
CA ILE A 81 12.82 -1.49 9.19
C ILE A 81 12.45 -1.03 10.59
N ASP A 82 12.67 0.25 10.84
CA ASP A 82 12.37 0.87 12.13
C ASP A 82 10.87 1.04 12.37
N SER A 83 10.50 1.09 13.65
CA SER A 83 9.20 1.60 14.03
C SER A 83 9.10 3.09 13.67
N GLU A 84 7.87 3.57 13.54
CA GLU A 84 7.63 5.02 13.33
C GLU A 84 8.38 5.82 14.41
N ASP A 85 8.16 5.49 15.67
CA ASP A 85 8.81 6.20 16.79
C ASP A 85 10.35 6.27 16.71
N ALA A 86 10.94 5.19 16.21
CA ALA A 86 12.40 5.05 16.05
C ALA A 86 12.99 5.79 14.83
N TYR A 87 12.13 6.26 13.92
CA TYR A 87 12.54 6.95 12.70
C TYR A 87 11.30 7.71 12.14
N PRO A 88 10.90 8.79 12.83
CA PRO A 88 9.61 9.43 12.56
C PRO A 88 9.49 10.16 11.22
N TYR A 89 8.24 10.32 10.78
CA TYR A 89 7.96 10.89 9.48
C TYR A 89 8.05 12.39 9.51
N VAL A 90 8.92 12.94 8.66
CA VAL A 90 9.07 14.38 8.50
C VAL A 90 8.64 14.92 7.12
N GLY A 91 8.33 14.08 6.13
CA GLY A 91 7.75 14.55 4.88
C GLY A 91 8.72 15.28 3.97
N GLN A 92 10.01 15.12 4.23
CA GLN A 92 11.06 15.58 3.35
C GLN A 92 12.20 14.59 3.47
N GLU A 93 12.96 14.46 2.40
CA GLU A 93 14.03 13.50 2.38
C GLU A 93 15.26 14.03 3.11
N GLU A 94 15.83 13.19 3.98
CA GLU A 94 17.03 13.52 4.72
C GLU A 94 18.04 12.39 4.55
N SER A 95 19.23 12.52 5.10
CA SER A 95 20.22 11.49 4.93
C SER A 95 19.74 10.25 5.63
N CYS A 96 20.16 9.09 5.15
CA CYS A 96 19.68 7.84 5.73
C CYS A 96 20.28 7.68 7.12
N MET A 97 19.41 7.49 8.13
CA MET A 97 19.82 7.39 9.52
C MET A 97 19.10 6.24 10.23
N TYR A 98 19.19 5.05 9.64
CA TYR A 98 18.54 3.88 10.21
C TYR A 98 19.16 3.55 11.58
N ASN A 99 18.29 3.17 12.52
CA ASN A 99 18.59 2.94 13.94
C ASN A 99 18.37 1.47 14.34
N PRO A 100 19.42 0.65 14.36
CA PRO A 100 19.21 -0.81 14.58
C PRO A 100 18.46 -1.18 15.86
N THR A 101 18.56 -0.35 16.89
CA THR A 101 17.85 -0.59 18.16
C THR A 101 16.32 -0.39 18.04
N GLY A 102 15.87 0.31 17.02
CA GLY A 102 14.44 0.54 16.85
C GLY A 102 13.82 -0.39 15.84
N LYS A 103 14.57 -1.38 15.34
CA LYS A 103 14.03 -2.37 14.39
C LYS A 103 12.70 -2.96 14.92
N ALA A 104 11.63 -2.85 14.13
CA ALA A 104 10.32 -3.38 14.51
C ALA A 104 9.81 -4.51 13.60
N ALA A 105 10.46 -4.71 12.45
CA ALA A 105 10.10 -5.78 11.51
C ALA A 105 11.26 -6.08 10.55
N LYS A 106 11.13 -7.22 9.87
CA LYS A 106 12.07 -7.72 8.86
C LYS A 106 11.29 -8.05 7.58
N CYS A 107 12.04 -8.28 6.51
CA CYS A 107 11.47 -8.72 5.26
C CYS A 107 12.38 -9.81 4.71
N ARG A 108 11.76 -10.87 4.22
CA ARG A 108 12.47 -11.99 3.65
C ARG A 108 12.13 -12.19 2.17
N GLY A 109 11.76 -11.10 1.51
CA GLY A 109 11.51 -11.11 0.09
C GLY A 109 10.17 -10.51 -0.27
N TYR A 110 9.80 -10.65 -1.53
CA TYR A 110 8.53 -10.12 -2.00
C TYR A 110 8.07 -10.90 -3.21
N ARG A 111 6.75 -10.90 -3.43
CA ARG A 111 6.15 -11.52 -4.58
C ARG A 111 5.25 -10.52 -5.29
N GLU A 112 5.13 -10.69 -6.60
CA GLU A 112 4.34 -9.82 -7.45
C GLU A 112 3.12 -10.59 -7.98
N ILE A 113 2.02 -9.87 -8.12
CA ILE A 113 0.81 -10.43 -8.70
C ILE A 113 0.95 -10.34 -10.23
N PRO A 114 0.61 -11.43 -10.96
CA PRO A 114 0.65 -11.33 -12.41
C PRO A 114 -0.05 -10.07 -12.93
N GLU A 115 0.64 -9.35 -13.81
CA GLU A 115 0.23 -8.03 -14.27
C GLU A 115 -1.17 -7.99 -14.87
N GLY A 116 -2.02 -7.14 -14.28
CA GLY A 116 -3.37 -6.90 -14.78
C GLY A 116 -4.34 -8.01 -14.48
N ASN A 117 -3.97 -8.93 -13.60
CA ASN A 117 -4.84 -10.04 -13.23
C ASN A 117 -5.51 -9.75 -11.89
N GLU A 118 -6.75 -9.27 -11.96
CA GLU A 118 -7.53 -8.94 -10.76
C GLU A 118 -7.99 -10.17 -10.00
N LYS A 119 -8.14 -11.31 -10.68
CA LYS A 119 -8.49 -12.56 -9.97
CA LYS A 119 -8.51 -12.55 -9.98
C LYS A 119 -7.33 -13.01 -9.09
N ALA A 120 -6.10 -12.86 -9.61
CA ALA A 120 -4.89 -13.21 -8.89
C ALA A 120 -4.65 -12.25 -7.72
N LEU A 121 -4.92 -10.97 -7.92
CA LEU A 121 -4.88 -10.02 -6.82
C LEU A 121 -5.88 -10.37 -5.71
N LYS A 122 -7.11 -10.68 -6.07
CA LYS A 122 -8.12 -11.16 -5.08
C LYS A 122 -7.61 -12.35 -4.23
N ARG A 123 -7.14 -13.39 -4.91
CA ARG A 123 -6.60 -14.57 -4.23
C ARG A 123 -5.41 -14.25 -3.34
N ALA A 124 -4.53 -13.35 -3.82
CA ALA A 124 -3.40 -12.86 -3.03
C ALA A 124 -3.86 -12.15 -1.78
N VAL A 125 -4.85 -11.27 -1.90
CA VAL A 125 -5.35 -10.58 -0.71
C VAL A 125 -5.98 -11.57 0.30
N ALA A 126 -6.82 -12.48 -0.21
CA ALA A 126 -7.42 -13.51 0.67
C ALA A 126 -6.38 -14.41 1.38
N ARG A 127 -5.29 -14.80 0.69
CA ARG A 127 -4.25 -15.69 1.23
CA ARG A 127 -4.30 -15.71 1.30
C ARG A 127 -3.23 -15.01 2.18
N VAL A 128 -2.78 -13.82 1.80
CA VAL A 128 -1.74 -13.07 2.50
C VAL A 128 -2.26 -12.03 3.50
N GLY A 129 -3.16 -11.19 3.04
CA GLY A 129 -3.48 -9.96 3.77
C GLY A 129 -3.33 -8.73 2.88
N PRO A 130 -3.24 -7.55 3.49
CA PRO A 130 -3.05 -6.32 2.71
C PRO A 130 -1.89 -6.38 1.71
N VAL A 131 -2.17 -5.88 0.49
CA VAL A 131 -1.28 -5.92 -0.65
C VAL A 131 -1.11 -4.52 -1.21
N SER A 132 0.14 -4.20 -1.52
CA SER A 132 0.57 -2.92 -2.04
C SER A 132 0.18 -2.88 -3.52
N VAL A 133 -0.50 -1.82 -3.94
CA VAL A 133 -0.89 -1.66 -5.33
C VAL A 133 -0.60 -0.26 -5.85
N ALA A 134 -0.46 -0.15 -7.17
CA ALA A 134 -0.21 1.11 -7.81
C ALA A 134 -1.39 1.46 -8.71
N ILE A 135 -1.73 2.75 -8.75
CA ILE A 135 -2.89 3.24 -9.50
C ILE A 135 -2.65 4.60 -10.16
N ASP A 136 -3.54 4.92 -11.11
CA ASP A 136 -3.69 6.30 -11.64
C ASP A 136 -4.62 7.07 -10.70
N ALA A 137 -4.02 7.95 -9.92
CA ALA A 137 -4.74 8.74 -8.94
C ALA A 137 -4.77 10.20 -9.36
N SER A 138 -4.64 10.45 -10.67
CA SER A 138 -4.40 11.79 -11.20
C SER A 138 -5.69 12.56 -11.50
N LEU A 139 -6.84 11.87 -11.49
CA LEU A 139 -8.10 12.51 -11.85
C LEU A 139 -8.64 13.36 -10.70
N THR A 140 -9.34 14.46 -11.04
CA THR A 140 -10.03 15.31 -10.04
C THR A 140 -11.12 14.50 -9.31
N SER A 141 -11.76 13.59 -10.05
CA SER A 141 -12.76 12.68 -9.47
C SER A 141 -12.16 11.86 -8.31
N PHE A 142 -10.87 11.52 -8.42
CA PHE A 142 -10.21 10.73 -7.39
C PHE A 142 -9.95 11.59 -6.17
N GLN A 143 -9.42 12.78 -6.40
CA GLN A 143 -9.14 13.75 -5.36
C GLN A 143 -10.32 14.11 -4.49
N PHE A 144 -11.51 14.19 -5.08
CA PHE A 144 -12.72 14.58 -4.32
C PHE A 144 -13.69 13.44 -4.04
N TYR A 145 -13.20 12.20 -4.18
CA TYR A 145 -13.95 11.01 -3.76
C TYR A 145 -14.50 11.18 -2.35
N SER A 146 -15.76 10.79 -2.13
CA SER A 146 -16.34 10.81 -0.78
C SER A 146 -17.08 9.50 -0.46
N LYS A 147 -17.76 8.93 -1.44
CA LYS A 147 -18.59 7.74 -1.22
C LYS A 147 -18.80 7.00 -2.52
N GLY A 148 -19.21 5.74 -2.40
CA GLY A 148 -19.49 4.93 -3.57
C GLY A 148 -18.27 4.18 -4.04
N VAL A 149 -18.45 3.41 -5.10
CA VAL A 149 -17.38 2.62 -5.68
C VAL A 149 -16.80 3.47 -6.81
N TYR A 150 -15.60 3.97 -6.60
CA TYR A 150 -14.94 4.83 -7.56
C TYR A 150 -14.71 4.15 -8.92
N TYR A 151 -15.30 4.75 -9.96
CA TYR A 151 -15.01 4.47 -11.35
C TYR A 151 -14.99 5.79 -12.18
N ASP A 152 -14.01 5.95 -13.08
CA ASP A 152 -14.00 7.06 -14.03
C ASP A 152 -13.46 6.51 -15.36
N GLU A 153 -14.22 6.68 -16.45
CA GLU A 153 -13.83 6.33 -17.84
CA GLU A 153 -13.79 6.21 -17.77
C GLU A 153 -12.44 6.78 -18.26
N SER A 154 -12.01 7.95 -17.73
CA SER A 154 -10.75 8.58 -18.14
C SER A 154 -9.52 8.09 -17.36
N CYS A 155 -9.71 7.22 -16.37
CA CYS A 155 -8.57 6.64 -15.64
C CYS A 155 -7.65 5.88 -16.61
N ASN A 156 -6.36 5.90 -16.33
CA ASN A 156 -5.41 5.35 -17.23
C ASN A 156 -4.56 4.27 -16.61
N SER A 157 -4.84 3.01 -17.00
CA SER A 157 -4.07 1.81 -16.61
C SER A 157 -2.58 1.88 -16.81
N ASP A 158 -2.16 2.69 -17.80
CA ASP A 158 -0.75 2.87 -18.17
C ASP A 158 -0.06 4.06 -17.49
N ASN A 159 -0.82 4.83 -16.72
CA ASN A 159 -0.29 5.98 -15.99
C ASN A 159 -0.38 5.68 -14.50
N LEU A 160 0.54 4.87 -13.98
CA LEU A 160 0.62 4.58 -12.55
C LEU A 160 1.42 5.66 -11.91
N ASN A 161 0.79 6.44 -11.06
CA ASN A 161 1.40 7.63 -10.47
C ASN A 161 1.19 7.76 -8.94
N HIS A 162 0.56 6.73 -8.38
CA HIS A 162 0.22 6.74 -6.98
C HIS A 162 0.16 5.30 -6.45
N ALA A 163 0.50 5.15 -5.17
CA ALA A 163 0.63 3.88 -4.50
C ALA A 163 -0.17 3.89 -3.22
N VAL A 164 -0.95 2.82 -3.06
CA VAL A 164 -1.88 2.64 -1.98
C VAL A 164 -1.85 1.20 -1.50
N LEU A 165 -2.77 0.85 -0.60
CA LEU A 165 -2.82 -0.45 0.02
C LEU A 165 -4.23 -1.06 -0.14
N ALA A 166 -4.30 -2.24 -0.77
CA ALA A 166 -5.52 -3.04 -0.86
C ALA A 166 -5.71 -3.88 0.43
N VAL A 167 -6.66 -3.48 1.26
CA VAL A 167 -6.85 -4.11 2.57
C VAL A 167 -8.03 -5.04 2.57
N GLY A 168 -8.70 -5.11 1.42
CA GLY A 168 -9.85 -5.97 1.23
C GLY A 168 -10.53 -5.77 -0.11
N TYR A 169 -11.68 -6.42 -0.25
CA TYR A 169 -12.48 -6.39 -1.47
C TYR A 169 -13.89 -6.87 -1.12
N GLY A 170 -14.86 -6.56 -1.97
CA GLY A 170 -16.21 -7.05 -1.78
C GLY A 170 -17.12 -6.48 -2.85
N ILE A 171 -18.33 -6.11 -2.43
CA ILE A 171 -19.35 -5.63 -3.34
C ILE A 171 -20.27 -4.66 -2.56
N GLN A 172 -20.60 -3.52 -3.19
CA GLN A 172 -21.48 -2.50 -2.60
C GLN A 172 -22.55 -2.06 -3.58
N LYS A 173 -23.81 -2.35 -3.23
CA LYS A 173 -24.99 -2.06 -4.06
C LYS A 173 -24.78 -2.56 -5.48
N GLY A 174 -24.39 -3.83 -5.56
CA GLY A 174 -24.16 -4.50 -6.84
C GLY A 174 -22.80 -4.33 -7.49
N ASN A 175 -22.01 -3.37 -7.00
CA ASN A 175 -20.74 -2.98 -7.59
C ASN A 175 -19.53 -3.57 -6.85
N LYS A 176 -18.79 -4.43 -7.53
CA LYS A 176 -17.60 -5.06 -6.94
C LYS A 176 -16.54 -4.00 -6.74
N HIS A 177 -15.78 -4.12 -5.64
CA HIS A 177 -14.76 -3.12 -5.31
C HIS A 177 -13.52 -3.71 -4.61
N TRP A 178 -12.47 -2.89 -4.57
CA TRP A 178 -11.29 -3.06 -3.73
C TRP A 178 -11.39 -2.05 -2.60
N ILE A 179 -11.00 -2.46 -1.38
CA ILE A 179 -10.96 -1.56 -0.23
C ILE A 179 -9.55 -1.02 -0.13
N ILE A 180 -9.41 0.30 -0.32
CA ILE A 180 -8.10 0.92 -0.53
C ILE A 180 -7.83 1.93 0.58
N LYS A 181 -6.75 1.68 1.31
CA LYS A 181 -6.22 2.63 2.27
C LYS A 181 -5.27 3.57 1.55
N ASN A 182 -5.58 4.85 1.63
CA ASN A 182 -4.73 5.90 1.07
C ASN A 182 -3.88 6.50 2.21
N SER A 183 -3.00 7.42 1.86
CA SER A 183 -2.14 8.10 2.82
C SER A 183 -2.26 9.61 2.68
N TRP A 184 -3.48 10.10 2.46
CA TRP A 184 -3.75 11.53 2.49
C TRP A 184 -4.52 12.00 3.71
N GLY A 185 -4.44 11.24 4.80
CA GLY A 185 -5.11 11.60 6.04
C GLY A 185 -6.54 11.15 6.14
N GLU A 186 -7.07 11.20 7.37
CA GLU A 186 -8.40 10.72 7.66
C GLU A 186 -9.48 11.63 7.14
N ASN A 187 -9.12 12.86 6.78
CA ASN A 187 -10.09 13.83 6.25
C ASN A 187 -10.07 13.86 4.74
N TRP A 188 -9.66 12.75 4.10
CA TRP A 188 -9.76 12.61 2.65
C TRP A 188 -10.63 11.39 2.40
N GLY A 189 -11.41 11.44 1.31
CA GLY A 189 -12.27 10.33 0.95
C GLY A 189 -13.26 9.97 2.05
N ASN A 190 -13.41 8.68 2.26
CA ASN A 190 -14.22 8.14 3.35
C ASN A 190 -13.33 7.70 4.52
N LYS A 191 -13.07 8.62 5.45
CA LYS A 191 -12.18 8.37 6.59
C LYS A 191 -10.77 7.91 6.15
N GLY A 192 -10.29 8.44 5.02
CA GLY A 192 -8.99 8.14 4.49
C GLY A 192 -8.96 6.97 3.54
N TYR A 193 -10.14 6.38 3.31
CA TYR A 193 -10.32 5.22 2.43
C TYR A 193 -11.14 5.55 1.16
N ILE A 194 -10.93 4.72 0.14
CA ILE A 194 -11.63 4.75 -1.14
C ILE A 194 -11.94 3.30 -1.58
N LEU A 195 -13.16 3.07 -2.08
CA LEU A 195 -13.54 1.79 -2.67
C LEU A 195 -13.39 1.98 -4.14
N MET A 196 -12.59 1.14 -4.76
CA MET A 196 -12.26 1.31 -6.17
C MET A 196 -12.80 0.13 -6.98
N ALA A 197 -13.42 0.43 -8.12
CA ALA A 197 -14.01 -0.60 -9.00
C ALA A 197 -13.09 -1.81 -9.26
N ARG A 198 -13.67 -3.00 -9.06
CA ARG A 198 -13.00 -4.28 -9.19
C ARG A 198 -13.65 -5.07 -10.32
N ASN A 199 -12.81 -5.75 -11.10
CA ASN A 199 -13.22 -6.51 -12.28
C ASN A 199 -14.00 -5.65 -13.28
N LYS A 200 -13.59 -4.38 -13.40
CA LYS A 200 -14.11 -3.48 -14.42
C LYS A 200 -12.96 -3.15 -15.39
N ASN A 201 -12.42 -4.22 -15.98
CA ASN A 201 -11.28 -4.14 -16.90
CA ASN A 201 -11.28 -4.16 -16.87
C ASN A 201 -10.07 -3.44 -16.26
N ASN A 202 -9.71 -3.87 -15.06
CA ASN A 202 -8.52 -3.35 -14.38
C ASN A 202 -8.47 -1.81 -14.29
N ALA A 203 -9.54 -1.25 -13.74
CA ALA A 203 -9.72 0.20 -13.63
C ALA A 203 -8.62 0.90 -12.83
N CYS A 204 -8.09 1.96 -13.43
CA CYS A 204 -7.00 2.79 -12.87
C CYS A 204 -5.72 1.98 -12.72
N GLY A 205 -5.64 0.84 -13.42
CA GLY A 205 -4.46 -0.02 -13.38
C GLY A 205 -4.19 -0.74 -12.06
N ILE A 206 -5.24 -0.96 -11.27
CA ILE A 206 -5.09 -1.41 -9.87
C ILE A 206 -4.28 -2.74 -9.70
N ALA A 207 -4.32 -3.63 -10.71
CA ALA A 207 -3.63 -4.95 -10.66
C ALA A 207 -2.35 -5.02 -11.53
N ASN A 208 -1.90 -3.87 -12.03
CA ASN A 208 -0.72 -3.80 -12.92
C ASN A 208 0.62 -3.81 -12.18
N LEU A 209 0.61 -3.43 -10.91
CA LEU A 209 1.82 -3.32 -10.08
C LEU A 209 1.53 -3.58 -8.60
N ALA A 210 1.00 -4.79 -8.37
CA ALA A 210 0.66 -5.34 -7.05
C ALA A 210 1.77 -6.27 -6.49
N SER A 211 2.09 -6.11 -5.21
CA SER A 211 3.17 -6.87 -4.58
C SER A 211 2.94 -6.95 -3.11
N PHE A 212 3.50 -7.99 -2.53
CA PHE A 212 3.48 -8.15 -1.09
C PHE A 212 4.82 -8.68 -0.54
N PRO A 213 5.10 -8.40 0.74
CA PRO A 213 6.31 -8.89 1.32
C PRO A 213 6.12 -10.22 2.01
N LYS A 214 7.24 -10.90 2.11
CA LYS A 214 7.32 -12.15 2.83
CA LYS A 214 7.33 -12.16 2.81
C LYS A 214 7.98 -11.86 4.14
N MET A 215 7.64 -12.65 5.13
CA MET A 215 8.18 -12.43 6.45
C MET A 215 8.34 -13.75 7.17
C1 O47 B . 4.81 4.86 -8.86
C2 O47 B . 5.77 4.91 -9.87
C3 O47 B . 6.46 6.07 -10.12
C4 O47 B . 6.21 7.22 -9.40
C5 O47 B . 5.26 7.21 -8.38
C6 O47 B . 4.56 6.02 -8.11
C7 O47 B . 4.13 3.54 -8.63
F8 O47 B . 5.07 2.68 -8.32
F9 O47 B . 3.55 3.10 -9.73
F10 O47 B . 3.24 3.55 -7.66
N11 O47 B . 4.33 8.30 -6.41
C12 O47 B . 4.99 8.45 -7.59
C13 O47 B . 5.38 9.74 -7.98
C14 O47 B . 5.07 10.83 -7.19
N15 O47 B . 4.42 10.64 -6.05
C16 O47 B . 4.05 9.40 -5.67
C17 O47 B . 5.45 12.26 -7.54
C18 O47 B . 4.20 13.03 -7.99
C19 O47 B . 4.51 14.50 -8.25
C20 O47 B . 7.47 6.12 -11.19
N21 O47 B . 8.73 5.92 -10.87
O22 O47 B . 7.08 6.35 -12.33
C23 O47 B . 9.78 5.95 -11.88
C24 O47 B . 9.14 5.64 -9.50
C25 O47 B . 3.30 9.23 -4.41
N26 O47 B . 2.96 10.19 -3.70
#